data_9AZ1
#
_entry.id   9AZ1
#
_cell.length_a   94.552
_cell.length_b   94.552
_cell.length_c   98.498
_cell.angle_alpha   90.000
_cell.angle_beta   90.000
_cell.angle_gamma   90.000
#
_symmetry.space_group_name_H-M   'P 41 21 2'
#
loop_
_entity.id
_entity.type
_entity.pdbx_description
1 polymer Deferrochelatase
2 non-polymer 'PROTOPORPHYRIN IX CONTAINING FE'
3 non-polymer 'OXYGEN MOLECULE'
4 non-polymer 'CHLORIDE ION'
5 non-polymer 'SULFATE ION'
6 water water
#
_entity_poly.entity_id   1
_entity_poly.type   'polypeptide(L)'
_entity_poly.pdbx_seq_one_letter_code
;APAAKVTEAPKSEKTQDRHDYQGQHQTGIVTPRPAAGMMVAFDVLASDREDLERLFRTLDERIRFLMTGGAVAQVDPKLP
PVDSGILGPVVVPDNLTITVSVGESLFDERFGLAEAKPKRLSRMVGFPNDALEADQCHGDLTLQFCANTPDSNIHALRDI
VKNLPDLLFVRWKQEGTVPPQAPAKPGEPEQSARNFLGFRDGSANPDSNDARLMDTRVWVQPGSDEPAWAAHGSYQAVRI
IRNFVERWDRTPLQEQENIFGRVKTTGAPMDGRLESDVPDYAKDPEGKITKLDAHIRLANPRTPESQQNLILRRPFNYSN
GVNKNGQLDMGLLFICYQADLEKGFITVQTRLNGEPLEEYLKPVGGGYFFTLPGVTGAQDFIGRSLLDATKTTTTTA
;
_entity_poly.pdbx_strand_id   A
#
loop_
_chem_comp.id
_chem_comp.type
_chem_comp.name
_chem_comp.formula
CL non-polymer 'CHLORIDE ION' 'Cl -1'
HEM non-polymer 'PROTOPORPHYRIN IX CONTAINING FE' 'C34 H32 Fe N4 O4'
OXY non-polymer 'OXYGEN MOLECULE' O2
SO4 non-polymer 'SULFATE ION' 'O4 S -2'
#
# COMPACT_ATOMS: atom_id res chain seq x y z
N ALA A 4 -14.21 10.84 31.55
CA ALA A 4 -14.46 11.91 32.52
C ALA A 4 -13.25 12.83 32.63
N LYS A 5 -12.18 12.32 33.20
CA LYS A 5 -10.96 13.11 33.32
C LYS A 5 -10.30 13.27 31.94
N VAL A 6 -9.48 14.32 31.83
CA VAL A 6 -9.01 14.76 30.51
C VAL A 6 -8.12 13.70 29.88
N THR A 7 -6.99 13.39 30.51
CA THR A 7 -6.00 12.50 29.90
C THR A 7 -6.42 11.04 29.87
N GLU A 8 -7.66 10.70 30.21
CA GLU A 8 -8.10 9.31 30.14
C GLU A 8 -8.11 8.83 28.68
N ALA A 9 -7.60 7.63 28.46
CA ALA A 9 -7.50 7.09 27.12
C ALA A 9 -8.89 6.85 26.52
N PRO A 10 -9.04 7.07 25.22
CA PRO A 10 -10.32 6.77 24.57
C PRO A 10 -10.62 5.29 24.58
N LYS A 11 -11.91 4.96 24.57
CA LYS A 11 -12.36 3.58 24.58
C LYS A 11 -12.49 3.05 23.16
N SER A 12 -11.99 1.83 22.96
CA SER A 12 -12.06 1.17 21.66
C SER A 12 -12.54 -0.26 21.84
N GLU A 13 -13.40 -0.71 20.93
CA GLU A 13 -13.91 -2.06 20.93
C GLU A 13 -13.26 -2.94 19.87
N LYS A 14 -12.24 -2.43 19.18
CA LYS A 14 -11.61 -3.13 18.07
C LYS A 14 -10.16 -3.51 18.35
N THR A 15 -9.75 -3.48 19.62
CA THR A 15 -8.36 -3.80 19.96
C THR A 15 -8.03 -5.26 19.70
N GLN A 16 -9.03 -6.14 19.66
CA GLN A 16 -8.81 -7.56 19.42
C GLN A 16 -9.03 -7.96 17.97
N ASP A 17 -9.18 -6.99 17.07
CA ASP A 17 -9.27 -7.30 15.64
C ASP A 17 -7.95 -7.91 15.18
N ARG A 18 -8.04 -9.01 14.43
CA ARG A 18 -6.85 -9.76 14.04
C ARG A 18 -7.02 -10.28 12.62
N HIS A 19 -5.89 -10.66 12.03
CA HIS A 19 -5.83 -11.32 10.74
C HIS A 19 -4.80 -12.43 10.81
N ASP A 20 -5.07 -13.52 10.10
CA ASP A 20 -4.14 -14.66 10.10
C ASP A 20 -2.87 -14.28 9.35
N TYR A 21 -1.73 -14.33 10.04
CA TYR A 21 -0.47 -14.00 9.39
C TYR A 21 -0.10 -15.01 8.31
N GLN A 22 -0.46 -16.28 8.51
CA GLN A 22 -0.11 -17.31 7.54
C GLN A 22 -1.12 -17.35 6.41
N GLY A 23 -0.74 -18.02 5.33
CA GLY A 23 -1.59 -18.14 4.16
C GLY A 23 -0.76 -18.17 2.89
N GLN A 24 -1.43 -18.51 1.80
CA GLN A 24 -0.76 -18.54 0.50
C GLN A 24 -0.22 -17.16 0.13
N HIS A 25 -0.97 -16.11 0.46
CA HIS A 25 -0.54 -14.75 0.22
C HIS A 25 -0.27 -14.04 1.54
N GLN A 26 0.50 -12.95 1.46
CA GLN A 26 0.68 -12.07 2.60
C GLN A 26 -0.58 -11.25 2.83
N THR A 27 -0.79 -10.86 4.08
CA THR A 27 -1.91 -9.99 4.39
C THR A 27 -1.60 -8.55 4.01
N GLY A 28 -2.65 -7.74 3.92
CA GLY A 28 -2.50 -6.34 3.58
C GLY A 28 -2.66 -6.00 2.12
N ILE A 29 -3.16 -6.93 1.29
CA ILE A 29 -3.38 -6.67 -0.12
C ILE A 29 -4.87 -6.86 -0.42
N VAL A 30 -5.35 -8.10 -0.35
CA VAL A 30 -6.78 -8.36 -0.43
C VAL A 30 -7.47 -8.23 0.92
N THR A 31 -6.71 -7.99 1.98
CA THR A 31 -7.29 -7.78 3.30
C THR A 31 -8.08 -6.48 3.31
N PRO A 32 -9.26 -6.46 3.93
CA PRO A 32 -9.99 -5.19 4.09
C PRO A 32 -9.12 -4.14 4.78
N ARG A 33 -9.03 -2.97 4.15
CA ARG A 33 -8.10 -1.96 4.61
C ARG A 33 -8.62 -1.29 5.88
N PRO A 34 -7.81 -1.23 6.95
CA PRO A 34 -8.26 -0.55 8.17
C PRO A 34 -8.13 0.97 8.06
N ALA A 35 -8.32 1.67 9.19
CA ALA A 35 -8.38 3.11 9.16
C ALA A 35 -7.02 3.79 9.08
N ALA A 36 -5.95 3.11 9.50
CA ALA A 36 -4.62 3.71 9.56
C ALA A 36 -3.61 2.85 8.83
N GLY A 37 -2.71 3.51 8.09
CA GLY A 37 -1.67 2.80 7.37
C GLY A 37 -0.36 3.56 7.45
N MET A 38 0.72 2.85 7.13
CA MET A 38 2.05 3.44 7.15
C MET A 38 2.98 2.61 6.26
N MET A 39 3.72 3.29 5.39
CA MET A 39 4.72 2.66 4.54
C MET A 39 6.09 3.16 4.96
N VAL A 40 6.99 2.23 5.27
CA VAL A 40 8.36 2.54 5.67
C VAL A 40 9.31 1.78 4.76
N ALA A 41 10.28 2.49 4.18
CA ALA A 41 11.29 1.88 3.32
C ALA A 41 12.59 1.72 4.10
N PHE A 42 13.20 0.55 3.97
CA PHE A 42 14.43 0.24 4.67
C PHE A 42 15.54 -0.09 3.67
N ASP A 43 16.78 0.06 4.13
CA ASP A 43 17.95 -0.45 3.43
C ASP A 43 18.59 -1.53 4.28
N VAL A 44 18.91 -2.66 3.65
CA VAL A 44 19.43 -3.82 4.36
C VAL A 44 20.94 -3.68 4.51
N LEU A 45 21.42 -3.84 5.75
CA LEU A 45 22.84 -3.73 6.05
C LEU A 45 23.49 -5.08 6.32
N ALA A 46 22.90 -6.16 5.82
CA ALA A 46 23.45 -7.49 6.03
C ALA A 46 24.79 -7.61 5.31
N SER A 47 25.78 -8.17 6.01
CA SER A 47 27.13 -8.29 5.46
C SER A 47 27.33 -9.56 4.65
N ASP A 48 26.55 -10.61 4.90
CA ASP A 48 26.70 -11.87 4.18
C ASP A 48 25.34 -12.58 4.17
N ARG A 49 25.34 -13.82 3.69
CA ARG A 49 24.11 -14.59 3.65
C ARG A 49 23.63 -14.98 5.04
N GLU A 50 24.56 -15.17 5.99
CA GLU A 50 24.17 -15.50 7.35
C GLU A 50 23.37 -14.36 7.99
N ASP A 51 23.76 -13.12 7.72
CA ASP A 51 23.01 -11.98 8.26
C ASP A 51 21.69 -11.80 7.54
N LEU A 52 21.66 -12.02 6.22
CA LEU A 52 20.41 -11.91 5.48
C LEU A 52 19.40 -12.94 5.95
N GLU A 53 19.86 -14.16 6.26
CA GLU A 53 18.96 -15.18 6.79
C GLU A 53 18.42 -14.78 8.15
N ARG A 54 19.26 -14.18 8.99
CA ARG A 54 18.81 -13.75 10.31
C ARG A 54 17.81 -12.61 10.22
N LEU A 55 17.95 -11.73 9.23
CA LEU A 55 17.03 -10.60 9.09
C LEU A 55 15.62 -11.08 8.80
N PHE A 56 15.46 -11.99 7.83
CA PHE A 56 14.14 -12.48 7.49
C PHE A 56 13.56 -13.36 8.59
N ARG A 57 14.40 -14.12 9.29
CA ARG A 57 13.91 -14.94 10.39
C ARG A 57 13.46 -14.08 11.56
N THR A 58 14.20 -13.00 11.86
CA THR A 58 13.78 -12.09 12.91
C THR A 58 12.53 -11.32 12.51
N LEU A 59 12.47 -10.90 11.24
CA LEU A 59 11.27 -10.22 10.74
C LEU A 59 10.04 -11.10 10.88
N ASP A 60 10.17 -12.38 10.53
CA ASP A 60 9.04 -13.30 10.65
C ASP A 60 8.60 -13.46 12.10
N GLU A 61 9.57 -13.57 13.02
CA GLU A 61 9.23 -13.76 14.43
C GLU A 61 8.52 -12.55 15.00
N ARG A 62 8.98 -11.34 14.65
CA ARG A 62 8.39 -10.13 15.21
C ARG A 62 6.99 -9.88 14.64
N ILE A 63 6.81 -10.10 13.33
CA ILE A 63 5.51 -9.88 12.72
C ILE A 63 4.50 -10.90 13.24
N ARG A 64 4.95 -12.14 13.48
CA ARG A 64 4.07 -13.15 14.06
C ARG A 64 3.53 -12.70 15.41
N PHE A 65 4.38 -12.10 16.23
CA PHE A 65 3.94 -11.68 17.57
C PHE A 65 3.12 -10.41 17.51
N LEU A 66 3.52 -9.46 16.66
CA LEU A 66 2.81 -8.18 16.59
C LEU A 66 1.40 -8.36 16.03
N MET A 67 1.21 -9.31 15.12
CA MET A 67 -0.11 -9.56 14.55
C MET A 67 -0.98 -10.45 15.46
N THR A 68 -0.47 -10.86 16.61
CA THR A 68 -1.24 -11.66 17.57
C THR A 68 -1.33 -10.99 18.92
N GLY A 69 -0.20 -10.64 19.53
CA GLY A 69 -0.17 -9.99 20.82
C GLY A 69 0.32 -10.91 21.91
N GLY A 70 0.36 -10.38 23.12
CA GLY A 70 0.80 -11.12 24.28
C GLY A 70 1.46 -10.21 25.29
N ALA A 71 1.84 -10.81 26.41
CA ALA A 71 2.50 -10.06 27.48
C ALA A 71 3.87 -9.59 27.04
N VAL A 72 4.20 -8.35 27.38
CA VAL A 72 5.48 -7.76 26.98
C VAL A 72 6.08 -6.97 28.13
N ALA A 73 5.70 -7.31 29.36
CA ALA A 73 6.26 -6.65 30.53
C ALA A 73 7.65 -7.20 30.81
N GLN A 74 8.62 -6.29 30.95
CA GLN A 74 10.00 -6.67 31.24
C GLN A 74 10.11 -6.96 32.74
N VAL A 75 10.26 -8.24 33.10
CA VAL A 75 10.31 -8.62 34.50
C VAL A 75 11.64 -8.28 35.16
N ASP A 76 12.68 -8.00 34.37
CA ASP A 76 13.98 -7.62 34.91
C ASP A 76 14.24 -6.15 34.64
N PRO A 77 13.99 -5.25 35.61
CA PRO A 77 14.17 -3.81 35.34
C PRO A 77 15.60 -3.42 35.04
N LYS A 78 16.58 -4.27 35.35
CA LYS A 78 17.97 -3.96 35.02
C LYS A 78 18.23 -4.00 33.52
N LEU A 79 17.35 -4.63 32.75
CA LEU A 79 17.46 -4.73 31.31
C LEU A 79 16.52 -3.75 30.64
N PRO A 80 16.80 -3.35 29.40
CA PRO A 80 15.87 -2.48 28.68
C PRO A 80 14.55 -3.20 28.45
N PRO A 81 13.46 -2.46 28.35
CA PRO A 81 12.15 -3.10 28.13
C PRO A 81 12.11 -3.81 26.79
N VAL A 82 11.52 -5.00 26.79
CA VAL A 82 11.40 -5.77 25.56
C VAL A 82 10.48 -5.06 24.57
N ASP A 83 9.52 -4.30 25.08
CA ASP A 83 8.55 -3.59 24.25
C ASP A 83 8.59 -2.11 24.56
N SER A 84 8.17 -1.30 23.58
CA SER A 84 8.14 0.15 23.78
C SER A 84 7.13 0.57 24.83
N GLY A 85 6.11 -0.25 25.09
CA GLY A 85 5.12 0.08 26.09
C GLY A 85 4.01 0.99 25.63
N ILE A 86 3.93 1.30 24.33
CA ILE A 86 2.90 2.20 23.84
C ILE A 86 1.52 1.60 24.01
N LEU A 87 1.39 0.29 23.76
CA LEU A 87 0.13 -0.41 23.94
C LEU A 87 -0.01 -1.06 25.32
N GLY A 88 0.85 -0.69 26.26
CA GLY A 88 0.79 -1.23 27.60
C GLY A 88 1.60 -2.50 27.73
N PRO A 89 1.52 -3.14 28.91
CA PRO A 89 2.28 -4.39 29.12
C PRO A 89 1.70 -5.60 28.41
N VAL A 90 0.57 -5.46 27.71
CA VAL A 90 -0.02 -6.54 26.93
C VAL A 90 -0.30 -5.99 25.54
N VAL A 91 0.43 -6.48 24.55
CA VAL A 91 0.24 -6.03 23.17
C VAL A 91 -1.07 -6.56 22.63
N VAL A 92 -1.85 -5.68 21.99
CA VAL A 92 -3.11 -6.07 21.36
C VAL A 92 -2.93 -6.07 19.85
N PRO A 93 -3.64 -6.92 19.11
CA PRO A 93 -3.47 -6.95 17.65
C PRO A 93 -3.97 -5.67 16.98
N ASP A 94 -5.23 -5.32 17.21
CA ASP A 94 -5.82 -4.08 16.69
C ASP A 94 -5.75 -4.03 15.16
N ASN A 95 -6.16 -5.13 14.52
CA ASN A 95 -6.26 -5.22 13.06
C ASN A 95 -4.91 -5.02 12.37
N LEU A 96 -3.83 -5.34 13.06
CA LEU A 96 -2.49 -5.08 12.53
C LEU A 96 -2.12 -6.11 11.46
N THR A 97 -1.62 -5.61 10.33
CA THR A 97 -1.03 -6.44 9.29
C THR A 97 0.28 -5.80 8.85
N ILE A 98 1.31 -6.63 8.66
CA ILE A 98 2.61 -6.17 8.20
C ILE A 98 2.97 -6.96 6.95
N THR A 99 3.19 -6.25 5.85
CA THR A 99 3.50 -6.86 4.56
C THR A 99 4.94 -6.52 4.17
N VAL A 100 5.70 -7.54 3.78
CA VAL A 100 7.12 -7.39 3.45
C VAL A 100 7.28 -7.42 1.95
N SER A 101 7.93 -6.39 1.40
CA SER A 101 8.23 -6.30 -0.02
C SER A 101 9.69 -5.94 -0.21
N VAL A 102 10.26 -6.38 -1.32
CA VAL A 102 11.68 -6.18 -1.59
C VAL A 102 11.83 -5.37 -2.87
N GLY A 103 12.86 -4.52 -2.90
CA GLY A 103 13.13 -3.68 -4.05
C GLY A 103 14.20 -4.26 -4.96
N GLU A 104 14.41 -3.59 -6.10
CA GLU A 104 15.39 -4.06 -7.06
C GLU A 104 16.81 -3.98 -6.51
N SER A 105 17.10 -2.97 -5.69
CA SER A 105 18.45 -2.83 -5.13
C SER A 105 18.83 -3.97 -4.21
N LEU A 106 17.86 -4.74 -3.70
CA LEU A 106 18.19 -5.92 -2.92
C LEU A 106 18.77 -7.04 -3.78
N PHE A 107 18.56 -6.98 -5.09
CA PHE A 107 19.04 -8.01 -6.01
C PHE A 107 20.30 -7.60 -6.75
N ASP A 108 21.15 -6.78 -6.12
CA ASP A 108 22.39 -6.34 -6.76
C ASP A 108 23.57 -7.23 -6.35
N GLU A 109 24.75 -6.65 -6.30
CA GLU A 109 25.97 -7.40 -6.01
C GLU A 109 26.06 -7.81 -4.55
N ARG A 110 25.38 -7.10 -3.65
CA ARG A 110 25.64 -7.25 -2.22
C ARG A 110 25.25 -8.64 -1.70
N PHE A 111 24.00 -9.06 -1.95
CA PHE A 111 23.43 -10.18 -1.23
C PHE A 111 23.32 -11.47 -2.05
N GLY A 112 23.75 -11.45 -3.30
CA GLY A 112 23.72 -12.66 -4.11
C GLY A 112 22.34 -13.17 -4.44
N LEU A 113 21.34 -12.28 -4.51
CA LEU A 113 19.99 -12.64 -4.91
C LEU A 113 19.69 -12.29 -6.37
N ALA A 114 20.71 -11.84 -7.11
CA ALA A 114 20.47 -11.30 -8.46
C ALA A 114 19.81 -12.30 -9.38
N GLU A 115 20.13 -13.59 -9.23
CA GLU A 115 19.59 -14.61 -10.13
C GLU A 115 18.07 -14.72 -10.00
N ALA A 116 17.54 -14.48 -8.80
CA ALA A 116 16.12 -14.70 -8.52
C ALA A 116 15.29 -13.42 -8.56
N LYS A 117 15.77 -12.39 -9.25
CA LYS A 117 15.03 -11.13 -9.30
C LYS A 117 13.81 -11.28 -10.20
N PRO A 118 12.65 -10.75 -9.78
CA PRO A 118 11.49 -10.72 -10.67
C PRO A 118 11.80 -9.94 -11.93
N LYS A 119 11.10 -10.29 -13.02
CA LYS A 119 11.44 -9.75 -14.33
C LYS A 119 11.16 -8.26 -14.42
N ARG A 120 10.03 -7.80 -13.88
CA ARG A 120 9.60 -6.42 -14.03
C ARG A 120 9.93 -5.56 -12.82
N LEU A 121 10.72 -6.06 -11.88
CA LEU A 121 11.13 -5.28 -10.71
C LEU A 121 12.27 -4.37 -11.12
N SER A 122 11.99 -3.06 -11.21
CA SER A 122 12.97 -2.08 -11.66
C SER A 122 12.93 -0.87 -10.73
N ARG A 123 13.84 0.07 -10.97
CA ARG A 123 13.93 1.30 -10.20
C ARG A 123 13.00 2.35 -10.79
N MET A 124 12.27 3.05 -9.92
CA MET A 124 11.29 4.02 -10.37
C MET A 124 11.96 5.18 -11.10
N VAL A 125 11.50 5.45 -12.31
CA VAL A 125 11.95 6.58 -13.12
C VAL A 125 10.88 7.67 -13.06
N GLY A 126 11.33 8.91 -12.89
CA GLY A 126 10.43 10.03 -12.76
C GLY A 126 9.51 10.25 -13.95
N PHE A 127 8.22 10.38 -13.68
CA PHE A 127 7.23 10.66 -14.71
C PHE A 127 7.21 12.16 -15.01
N PRO A 128 6.63 12.57 -16.14
CA PRO A 128 6.70 14.00 -16.52
C PRO A 128 6.20 14.97 -15.47
N ASN A 129 5.13 14.63 -14.75
CA ASN A 129 4.59 15.52 -13.71
C ASN A 129 5.27 15.32 -12.37
N ASP A 130 6.25 14.43 -12.27
CA ASP A 130 6.87 14.13 -10.98
C ASP A 130 7.81 15.26 -10.56
N ALA A 131 8.04 15.33 -9.25
CA ALA A 131 9.05 16.18 -8.63
C ALA A 131 9.67 15.36 -7.49
N LEU A 132 10.33 14.27 -7.87
CA LEU A 132 10.76 13.27 -6.90
C LEU A 132 11.82 13.82 -5.95
N GLU A 133 11.61 13.59 -4.65
CA GLU A 133 12.62 13.89 -3.65
C GLU A 133 13.44 12.63 -3.40
N ALA A 134 14.77 12.76 -3.53
CA ALA A 134 15.65 11.60 -3.45
C ALA A 134 15.54 10.91 -2.10
N ASP A 135 15.34 11.66 -1.03
CA ASP A 135 15.25 11.09 0.31
C ASP A 135 13.91 10.42 0.57
N GLN A 136 13.02 10.35 -0.43
CA GLN A 136 11.71 9.73 -0.27
C GLN A 136 11.44 8.66 -1.32
N CYS A 137 12.48 8.16 -1.99
CA CYS A 137 12.30 7.23 -3.09
C CYS A 137 13.15 5.98 -2.88
N HIS A 138 12.71 4.90 -3.50
CA HIS A 138 13.44 3.63 -3.58
C HIS A 138 13.67 3.00 -2.21
N GLY A 139 14.58 2.05 -2.14
CA GLY A 139 14.89 1.34 -0.92
C GLY A 139 15.03 -0.15 -1.17
N ASP A 140 15.75 -0.81 -0.26
CA ASP A 140 15.94 -2.26 -0.38
C ASP A 140 14.68 -3.03 -0.01
N LEU A 141 13.89 -2.51 0.93
CA LEU A 141 12.77 -3.26 1.48
C LEU A 141 11.75 -2.28 2.06
N THR A 142 10.47 -2.66 1.96
CA THR A 142 9.39 -1.90 2.55
C THR A 142 8.57 -2.78 3.49
N LEU A 143 8.08 -2.16 4.55
CA LEU A 143 7.17 -2.80 5.50
C LEU A 143 5.89 -1.97 5.54
N GLN A 144 4.79 -2.58 5.11
CA GLN A 144 3.48 -1.91 5.10
C GLN A 144 2.77 -2.21 6.41
N PHE A 145 2.57 -1.20 7.23
CA PHE A 145 1.85 -1.33 8.49
C PHE A 145 0.43 -0.80 8.32
N CYS A 146 -0.55 -1.60 8.73
CA CYS A 146 -1.95 -1.23 8.67
C CYS A 146 -2.64 -1.68 9.94
N ALA A 147 -3.37 -0.76 10.58
CA ALA A 147 -4.06 -1.07 11.83
C ALA A 147 -5.24 -0.12 11.98
N ASN A 148 -6.00 -0.31 13.07
CA ASN A 148 -7.15 0.55 13.32
C ASN A 148 -6.73 1.96 13.70
N THR A 149 -5.59 2.10 14.37
CA THR A 149 -5.09 3.39 14.83
C THR A 149 -3.63 3.56 14.43
N PRO A 150 -3.19 4.79 14.20
CA PRO A 150 -1.77 5.00 13.88
C PRO A 150 -0.83 4.64 15.02
N ASP A 151 -1.30 4.71 16.27
CA ASP A 151 -0.44 4.36 17.39
C ASP A 151 -0.06 2.89 17.35
N SER A 152 -0.97 2.02 16.88
CA SER A 152 -0.64 0.61 16.76
C SER A 152 0.41 0.37 15.68
N ASN A 153 0.33 1.13 14.58
CA ASN A 153 1.36 1.03 13.55
C ASN A 153 2.70 1.53 14.06
N ILE A 154 2.70 2.63 14.82
CA ILE A 154 3.94 3.18 15.35
C ILE A 154 4.56 2.21 16.35
N HIS A 155 3.73 1.58 17.18
CA HIS A 155 4.25 0.57 18.11
C HIS A 155 4.86 -0.60 17.36
N ALA A 156 4.28 -0.97 16.22
CA ALA A 156 4.84 -2.06 15.42
C ALA A 156 6.16 -1.64 14.77
N LEU A 157 6.24 -0.41 14.28
CA LEU A 157 7.50 0.08 13.72
C LEU A 157 8.55 0.22 14.82
N ARG A 158 8.13 0.63 16.02
CA ARG A 158 9.05 0.67 17.15
C ARG A 158 9.64 -0.70 17.43
N ASP A 159 8.83 -1.75 17.31
CA ASP A 159 9.29 -3.10 17.60
C ASP A 159 10.30 -3.58 16.57
N ILE A 160 10.08 -3.23 15.30
CA ILE A 160 10.96 -3.72 14.24
C ILE A 160 12.35 -3.12 14.37
N VAL A 161 12.42 -1.79 14.53
CA VAL A 161 13.72 -1.13 14.61
C VAL A 161 14.41 -1.41 15.93
N LYS A 162 13.67 -1.78 16.98
CA LYS A 162 14.30 -2.13 18.24
C LYS A 162 14.96 -3.51 18.18
N ASN A 163 14.36 -4.44 17.45
CA ASN A 163 14.90 -5.78 17.30
C ASN A 163 15.83 -5.92 16.10
N LEU A 164 15.82 -4.96 15.18
CA LEU A 164 16.70 -4.96 14.01
C LEU A 164 17.36 -3.59 13.88
N PRO A 165 18.23 -3.22 14.82
CA PRO A 165 18.86 -1.89 14.75
C PRO A 165 20.07 -1.84 13.84
N ASP A 166 20.71 -2.97 13.55
CA ASP A 166 21.92 -2.99 12.73
C ASP A 166 21.71 -3.55 11.33
N LEU A 167 20.65 -4.34 11.12
CA LEU A 167 20.41 -4.92 9.80
C LEU A 167 19.50 -4.07 8.94
N LEU A 168 18.80 -3.09 9.50
CA LEU A 168 17.87 -2.25 8.77
C LEU A 168 18.21 -0.78 9.01
N PHE A 169 18.14 0.02 7.95
CA PHE A 169 18.32 1.46 8.01
C PHE A 169 17.06 2.11 7.48
N VAL A 170 16.43 2.96 8.31
CA VAL A 170 15.19 3.62 7.90
C VAL A 170 15.51 4.66 6.83
N ARG A 171 14.92 4.47 5.65
CA ARG A 171 15.16 5.36 4.52
C ARG A 171 14.13 6.49 4.47
N TRP A 172 12.87 6.15 4.26
CA TRP A 172 11.79 7.13 4.30
C TRP A 172 10.53 6.43 4.78
N LYS A 173 9.57 7.24 5.24
CA LYS A 173 8.32 6.72 5.78
C LYS A 173 7.21 7.72 5.51
N GLN A 174 5.98 7.21 5.50
CA GLN A 174 4.80 8.05 5.28
C GLN A 174 3.60 7.36 5.92
N GLU A 175 2.95 8.06 6.84
CA GLU A 175 1.75 7.57 7.51
C GLU A 175 0.51 8.24 6.92
N GLY A 176 -0.60 7.50 6.92
CA GLY A 176 -1.84 8.03 6.38
C GLY A 176 -3.02 7.32 7.01
N THR A 177 -4.20 7.93 6.80
CA THR A 177 -5.45 7.40 7.33
C THR A 177 -6.52 7.47 6.26
N VAL A 178 -7.65 6.82 6.54
CA VAL A 178 -8.84 6.94 5.71
C VAL A 178 -10.01 7.25 6.65
N PRO A 179 -10.96 8.09 6.24
CA PRO A 179 -12.03 8.50 7.15
C PRO A 179 -13.04 7.39 7.35
N PRO A 180 -13.24 6.95 8.59
CA PRO A 180 -14.31 5.97 8.85
C PRO A 180 -15.68 6.61 8.71
N GLN A 181 -16.68 5.77 8.41
CA GLN A 181 -18.03 6.24 8.20
C GLN A 181 -18.99 5.47 9.10
N ALA A 182 -20.18 6.04 9.26
CA ALA A 182 -21.24 5.35 9.99
C ALA A 182 -21.63 4.07 9.24
N PRO A 183 -22.03 3.03 9.96
CA PRO A 183 -22.35 1.77 9.30
C PRO A 183 -23.55 1.92 8.37
N ALA A 184 -23.44 1.30 7.19
CA ALA A 184 -24.50 1.35 6.20
C ALA A 184 -25.70 0.53 6.69
N LYS A 185 -26.72 0.40 5.85
CA LYS A 185 -27.88 -0.40 6.22
C LYS A 185 -27.46 -1.84 6.47
N PRO A 186 -28.16 -2.55 7.37
CA PRO A 186 -27.76 -3.92 7.69
C PRO A 186 -27.76 -4.83 6.47
N GLY A 187 -26.64 -5.54 6.29
CA GLY A 187 -26.47 -6.41 5.14
C GLY A 187 -26.06 -5.71 3.87
N GLU A 188 -25.63 -4.46 3.94
CA GLU A 188 -25.24 -3.70 2.77
C GLU A 188 -23.75 -3.37 2.80
N PRO A 189 -23.11 -3.21 1.64
CA PRO A 189 -21.69 -2.86 1.63
C PRO A 189 -21.49 -1.38 1.93
N GLU A 190 -20.43 -1.09 2.68
CA GLU A 190 -20.04 0.28 2.93
C GLU A 190 -19.57 0.94 1.64
N GLN A 191 -19.57 2.26 1.63
CA GLN A 191 -19.02 2.98 0.50
C GLN A 191 -17.49 2.97 0.56
N SER A 192 -16.87 3.20 -0.58
CA SER A 192 -15.42 3.37 -0.61
C SER A 192 -15.04 4.64 0.14
N ALA A 193 -13.96 4.55 0.91
CA ALA A 193 -13.49 5.70 1.67
C ALA A 193 -13.08 6.82 0.71
N ARG A 194 -13.15 8.05 1.19
CA ARG A 194 -12.87 9.23 0.39
C ARG A 194 -11.44 9.70 0.61
N ASN A 195 -10.87 10.29 -0.43
CA ASN A 195 -9.53 10.84 -0.38
C ASN A 195 -9.58 12.29 0.07
N PHE A 196 -8.43 12.97 0.05
CA PHE A 196 -8.38 14.38 0.44
C PHE A 196 -8.86 15.32 -0.66
N LEU A 197 -9.29 14.79 -1.80
CA LEU A 197 -9.96 15.57 -2.83
C LEU A 197 -11.47 15.45 -2.76
N GLY A 198 -12.00 14.76 -1.76
CA GLY A 198 -13.43 14.66 -1.54
C GLY A 198 -14.15 13.61 -2.36
N PHE A 199 -13.43 12.80 -3.13
CA PHE A 199 -14.04 11.80 -3.98
C PHE A 199 -13.86 10.41 -3.38
N ARG A 200 -14.84 9.55 -3.62
CA ARG A 200 -14.71 8.15 -3.24
C ARG A 200 -13.58 7.50 -4.03
N ASP A 201 -12.70 6.78 -3.33
CA ASP A 201 -11.48 6.23 -3.92
C ASP A 201 -11.51 4.72 -3.80
N GLY A 202 -11.50 4.03 -4.94
CA GLY A 202 -11.54 2.58 -4.97
C GLY A 202 -12.82 1.97 -5.49
N SER A 203 -13.71 2.75 -6.11
CA SER A 203 -15.01 2.23 -6.52
C SER A 203 -14.85 1.17 -7.61
N ALA A 204 -14.10 1.49 -8.66
CA ALA A 204 -13.91 0.59 -9.79
C ALA A 204 -12.75 -0.39 -9.58
N ASN A 205 -12.35 -0.61 -8.33
CA ASN A 205 -11.31 -1.59 -8.07
C ASN A 205 -11.81 -2.99 -8.46
N PRO A 206 -10.95 -3.85 -9.01
CA PRO A 206 -11.37 -5.21 -9.31
C PRO A 206 -11.77 -5.94 -8.04
N ASP A 207 -12.80 -6.79 -8.16
CA ASP A 207 -13.39 -7.48 -7.02
C ASP A 207 -12.33 -8.27 -6.26
N SER A 208 -11.95 -7.77 -5.08
CA SER A 208 -10.98 -8.48 -4.26
C SER A 208 -11.53 -9.77 -3.69
N ASN A 209 -12.85 -9.96 -3.74
CA ASN A 209 -13.44 -11.23 -3.33
C ASN A 209 -13.44 -12.25 -4.46
N ASP A 210 -13.23 -11.81 -5.70
CA ASP A 210 -13.15 -12.71 -6.85
C ASP A 210 -11.74 -13.31 -6.88
N ALA A 211 -11.62 -14.56 -6.43
CA ALA A 211 -10.31 -15.18 -6.28
C ALA A 211 -9.61 -15.36 -7.63
N ARG A 212 -10.34 -15.84 -8.64
CA ARG A 212 -9.72 -16.07 -9.95
C ARG A 212 -9.31 -14.77 -10.62
N LEU A 213 -10.04 -13.68 -10.37
CA LEU A 213 -9.65 -12.39 -10.93
C LEU A 213 -8.39 -11.87 -10.25
N MET A 214 -8.26 -12.08 -8.94
CA MET A 214 -7.05 -11.69 -8.24
C MET A 214 -5.86 -12.56 -8.65
N ASP A 215 -6.12 -13.80 -9.05
CA ASP A 215 -5.03 -14.69 -9.46
C ASP A 215 -4.42 -14.26 -10.79
N THR A 216 -5.22 -13.68 -11.68
CA THR A 216 -4.74 -13.33 -13.01
C THR A 216 -4.20 -11.90 -13.08
N ARG A 217 -4.65 -11.01 -12.20
CA ARG A 217 -4.27 -9.61 -12.27
C ARG A 217 -3.38 -9.14 -11.12
N VAL A 218 -3.49 -9.76 -9.95
CA VAL A 218 -2.80 -9.30 -8.74
C VAL A 218 -1.70 -10.27 -8.32
N TRP A 219 -2.01 -11.56 -8.25
CA TRP A 219 -1.08 -12.55 -7.73
C TRP A 219 -0.26 -13.17 -8.85
N VAL A 220 1.04 -13.35 -8.59
CA VAL A 220 1.90 -14.05 -9.53
C VAL A 220 1.54 -15.53 -9.51
N GLN A 221 1.27 -16.10 -10.69
CA GLN A 221 0.82 -17.47 -10.72
C GLN A 221 1.99 -18.43 -10.95
N PRO A 222 1.94 -19.62 -10.36
CA PRO A 222 2.93 -20.64 -10.68
C PRO A 222 2.81 -21.07 -12.13
N GLY A 223 3.96 -21.33 -12.77
CA GLY A 223 4.00 -21.64 -14.17
C GLY A 223 4.15 -20.43 -15.07
N SER A 224 4.02 -19.22 -14.54
CA SER A 224 4.24 -18.02 -15.33
C SER A 224 5.73 -17.82 -15.59
N ASP A 225 6.05 -16.78 -16.36
CA ASP A 225 7.44 -16.53 -16.72
C ASP A 225 8.28 -16.06 -15.54
N GLU A 226 7.66 -15.65 -14.44
CA GLU A 226 8.40 -15.22 -13.27
C GLU A 226 9.14 -16.40 -12.63
N PRO A 227 10.17 -16.13 -11.83
CA PRO A 227 10.85 -17.22 -11.12
C PRO A 227 9.88 -17.99 -10.22
N ALA A 228 10.20 -19.27 -10.00
CA ALA A 228 9.28 -20.16 -9.30
C ALA A 228 9.06 -19.72 -7.85
N TRP A 229 10.08 -19.15 -7.21
CA TRP A 229 9.92 -18.72 -5.82
C TRP A 229 8.92 -17.58 -5.70
N ALA A 230 8.80 -16.75 -6.72
CA ALA A 230 7.96 -15.56 -6.68
C ALA A 230 6.47 -15.87 -6.83
N ALA A 231 6.10 -17.13 -6.98
CA ALA A 231 4.68 -17.48 -7.09
C ALA A 231 3.93 -17.06 -5.85
N HIS A 232 2.68 -16.62 -6.04
CA HIS A 232 1.79 -16.08 -5.02
C HIS A 232 2.29 -14.77 -4.43
N GLY A 233 3.25 -14.12 -5.07
CA GLY A 233 3.65 -12.78 -4.71
C GLY A 233 2.92 -11.75 -5.55
N SER A 234 3.37 -10.49 -5.41
CA SER A 234 2.75 -9.40 -6.15
C SER A 234 3.71 -8.22 -6.20
N TYR A 235 3.58 -7.42 -7.27
CA TYR A 235 4.35 -6.20 -7.40
C TYR A 235 3.67 -5.07 -6.64
N GLN A 236 4.46 -4.30 -5.89
CA GLN A 236 3.96 -3.21 -5.07
C GLN A 236 4.47 -1.89 -5.65
N ALA A 237 3.54 -0.99 -5.98
CA ALA A 237 3.87 0.33 -6.48
C ALA A 237 3.42 1.37 -5.45
N VAL A 238 4.36 2.19 -4.98
CA VAL A 238 4.10 3.20 -3.97
C VAL A 238 4.38 4.57 -4.60
N ARG A 239 3.44 5.50 -4.42
CA ARG A 239 3.58 6.85 -4.95
C ARG A 239 3.03 7.83 -3.93
N ILE A 240 3.91 8.69 -3.41
CA ILE A 240 3.51 9.75 -2.49
C ILE A 240 3.16 10.97 -3.34
N ILE A 241 1.87 11.20 -3.54
CA ILE A 241 1.39 12.26 -4.43
C ILE A 241 0.82 13.38 -3.58
N ARG A 242 1.35 14.58 -3.77
CA ARG A 242 0.89 15.76 -3.05
C ARG A 242 -0.30 16.38 -3.77
N ASN A 243 -1.31 16.78 -2.99
CA ASN A 243 -2.50 17.45 -3.51
C ASN A 243 -2.39 18.95 -3.24
N PHE A 244 -2.66 19.75 -4.27
CA PHE A 244 -2.76 21.20 -4.11
C PHE A 244 -4.20 21.50 -3.72
N VAL A 245 -4.46 21.45 -2.42
CA VAL A 245 -5.85 21.46 -1.93
C VAL A 245 -6.47 22.85 -2.00
N GLU A 246 -5.68 23.90 -1.85
CA GLU A 246 -6.24 25.25 -1.92
C GLU A 246 -6.77 25.56 -3.32
N ARG A 247 -6.00 25.20 -4.35
CA ARG A 247 -6.46 25.44 -5.71
C ARG A 247 -7.58 24.47 -6.10
N TRP A 248 -7.59 23.28 -5.49
CA TRP A 248 -8.65 22.32 -5.76
C TRP A 248 -9.98 22.76 -5.15
N ASP A 249 -9.95 23.29 -3.92
CA ASP A 249 -11.17 23.76 -3.29
C ASP A 249 -11.70 25.03 -3.94
N ARG A 250 -10.88 25.73 -4.71
CA ARG A 250 -11.34 26.86 -5.51
C ARG A 250 -11.95 26.43 -6.84
N THR A 251 -11.77 25.18 -7.23
CA THR A 251 -12.24 24.71 -8.53
C THR A 251 -13.74 24.38 -8.48
N PRO A 252 -14.53 24.80 -9.46
CA PRO A 252 -15.96 24.45 -9.45
C PRO A 252 -16.18 22.95 -9.42
N LEU A 253 -17.33 22.56 -8.86
CA LEU A 253 -17.64 21.15 -8.69
C LEU A 253 -17.75 20.43 -10.02
N GLN A 254 -18.35 21.07 -11.02
CA GLN A 254 -18.49 20.44 -12.33
C GLN A 254 -17.12 20.16 -12.94
N GLU A 255 -16.15 21.04 -12.70
CA GLU A 255 -14.80 20.79 -13.21
C GLU A 255 -14.13 19.65 -12.44
N GLN A 256 -14.37 19.57 -11.12
CA GLN A 256 -13.83 18.47 -10.34
C GLN A 256 -14.37 17.13 -10.84
N GLU A 257 -15.65 17.09 -11.21
CA GLU A 257 -16.26 15.85 -11.66
C GLU A 257 -15.89 15.53 -13.11
N ASN A 258 -15.75 16.56 -13.96
CA ASN A 258 -15.32 16.32 -15.33
C ASN A 258 -13.89 15.80 -15.38
N ILE A 259 -13.03 16.25 -14.46
CA ILE A 259 -11.65 15.79 -14.44
C ILE A 259 -11.57 14.31 -14.08
N PHE A 260 -12.39 13.88 -13.13
CA PHE A 260 -12.36 12.50 -12.66
C PHE A 260 -13.26 11.58 -13.48
N GLY A 261 -14.40 12.06 -13.94
CA GLY A 261 -15.37 11.21 -14.59
C GLY A 261 -16.36 10.56 -13.65
N ARG A 262 -16.46 11.05 -12.42
CA ARG A 262 -17.38 10.51 -11.42
C ARG A 262 -18.05 11.65 -10.68
N VAL A 263 -19.31 11.43 -10.29
CA VAL A 263 -20.01 12.39 -9.45
C VAL A 263 -19.42 12.35 -8.05
N LYS A 264 -19.18 13.53 -7.47
CA LYS A 264 -18.47 13.61 -6.20
C LYS A 264 -19.27 12.99 -5.07
N THR A 265 -20.52 13.42 -4.90
CA THR A 265 -21.30 12.95 -3.76
C THR A 265 -21.64 11.47 -3.86
N THR A 266 -22.23 11.06 -4.98
CA THR A 266 -22.70 9.68 -5.11
C THR A 266 -21.61 8.71 -5.53
N GLY A 267 -20.52 9.20 -6.11
CA GLY A 267 -19.53 8.30 -6.66
C GLY A 267 -19.96 7.60 -7.93
N ALA A 268 -21.07 8.01 -8.52
CA ALA A 268 -21.63 7.39 -9.71
C ALA A 268 -20.93 7.90 -10.97
N PRO A 269 -20.85 7.09 -12.02
CA PRO A 269 -20.30 7.57 -13.29
C PRO A 269 -21.22 8.59 -13.93
N MET A 270 -20.70 9.20 -15.00
CA MET A 270 -21.44 10.25 -15.70
C MET A 270 -22.71 9.71 -16.36
N ASP A 271 -22.80 8.40 -16.58
CA ASP A 271 -23.99 7.80 -17.20
C ASP A 271 -24.65 6.77 -16.27
N GLY A 272 -24.43 6.89 -14.96
CA GLY A 272 -24.99 5.95 -14.01
C GLY A 272 -25.56 6.67 -12.81
N ARG A 273 -26.05 5.86 -11.86
CA ARG A 273 -26.66 6.38 -10.64
C ARG A 273 -26.00 5.89 -9.36
N LEU A 274 -25.39 4.72 -9.37
CA LEU A 274 -24.79 4.13 -8.18
C LEU A 274 -23.26 4.14 -8.30
N GLU A 275 -22.61 4.01 -7.15
CA GLU A 275 -21.15 3.96 -7.13
C GLU A 275 -20.63 2.69 -7.80
N SER A 276 -21.36 1.58 -7.69
CA SER A 276 -20.96 0.34 -8.33
C SER A 276 -21.19 0.33 -9.83
N ASP A 277 -21.88 1.33 -10.37
CA ASP A 277 -22.07 1.42 -11.81
C ASP A 277 -20.75 1.75 -12.50
N VAL A 278 -20.61 1.27 -13.73
CA VAL A 278 -19.42 1.54 -14.54
C VAL A 278 -19.85 2.26 -15.81
N PRO A 279 -19.03 3.19 -16.33
CA PRO A 279 -19.43 3.92 -17.53
C PRO A 279 -19.39 3.04 -18.77
N ASP A 280 -20.22 3.40 -19.74
CA ASP A 280 -20.32 2.70 -21.02
C ASP A 280 -19.65 3.57 -22.08
N TYR A 281 -18.35 3.37 -22.27
CA TYR A 281 -17.61 4.16 -23.24
C TYR A 281 -17.98 3.82 -24.68
N ALA A 282 -18.59 2.65 -24.90
CA ALA A 282 -19.04 2.30 -26.25
C ALA A 282 -20.17 3.22 -26.71
N LYS A 283 -21.04 3.62 -25.79
CA LYS A 283 -22.10 4.57 -26.10
C LYS A 283 -21.62 6.01 -26.14
N ASP A 284 -20.40 6.29 -25.68
CA ASP A 284 -19.84 7.64 -25.67
C ASP A 284 -18.45 7.57 -26.29
N PRO A 285 -18.36 7.48 -27.61
CA PRO A 285 -17.04 7.37 -28.25
C PRO A 285 -16.29 8.69 -28.30
N GLU A 286 -17.01 9.78 -28.46
CA GLU A 286 -16.40 11.10 -28.59
C GLU A 286 -16.19 11.80 -27.25
N GLY A 287 -16.60 11.19 -26.15
CA GLY A 287 -16.31 11.74 -24.84
C GLY A 287 -17.16 12.93 -24.43
N LYS A 288 -18.45 12.90 -24.74
CA LYS A 288 -19.31 14.00 -24.30
C LYS A 288 -19.84 13.77 -22.90
N ILE A 289 -20.14 12.52 -22.56
CA ILE A 289 -20.62 12.20 -21.22
C ILE A 289 -19.45 12.10 -20.24
N THR A 290 -18.49 11.23 -20.53
CA THR A 290 -17.25 11.12 -19.78
C THR A 290 -16.12 11.66 -20.65
N LYS A 291 -15.43 12.69 -20.16
CA LYS A 291 -14.38 13.33 -20.95
C LYS A 291 -13.32 12.32 -21.35
N LEU A 292 -12.73 12.56 -22.53
CA LEU A 292 -11.70 11.65 -23.04
C LEU A 292 -10.46 11.67 -22.16
N ASP A 293 -10.15 12.81 -21.54
CA ASP A 293 -9.01 12.93 -20.65
C ASP A 293 -9.39 12.78 -19.19
N ALA A 294 -10.57 12.23 -18.91
CA ALA A 294 -10.98 12.00 -17.53
C ALA A 294 -10.05 10.97 -16.88
N HIS A 295 -9.94 11.06 -15.55
CA HIS A 295 -9.01 10.19 -14.81
C HIS A 295 -9.36 8.72 -15.00
N ILE A 296 -10.64 8.37 -14.83
CA ILE A 296 -11.02 6.96 -14.90
C ILE A 296 -11.02 6.48 -16.34
N ARG A 297 -11.28 7.36 -17.31
CA ARG A 297 -11.27 6.94 -18.71
C ARG A 297 -9.85 6.71 -19.20
N LEU A 298 -8.91 7.54 -18.75
CA LEU A 298 -7.52 7.36 -19.16
C LEU A 298 -6.90 6.15 -18.44
N ALA A 299 -7.30 5.92 -17.19
CA ALA A 299 -6.70 4.83 -16.42
C ALA A 299 -7.28 3.47 -16.80
N ASN A 300 -8.54 3.41 -17.21
CA ASN A 300 -9.20 2.16 -17.57
C ASN A 300 -10.12 2.41 -18.75
N PRO A 301 -9.62 2.26 -19.98
CA PRO A 301 -10.46 2.48 -21.16
C PRO A 301 -11.53 1.42 -21.35
N ARG A 302 -11.48 0.31 -20.61
CA ARG A 302 -12.48 -0.76 -20.67
C ARG A 302 -12.55 -1.37 -22.07
N THR A 303 -11.40 -1.82 -22.55
CA THR A 303 -11.23 -2.58 -23.77
C THR A 303 -10.65 -3.94 -23.43
N PRO A 304 -10.75 -4.93 -24.32
CA PRO A 304 -10.13 -6.23 -24.02
C PRO A 304 -8.63 -6.13 -23.80
N GLU A 305 -7.94 -5.21 -24.50
CA GLU A 305 -6.51 -5.04 -24.29
C GLU A 305 -6.23 -4.37 -22.95
N SER A 306 -7.10 -3.45 -22.54
CA SER A 306 -6.91 -2.75 -21.27
C SER A 306 -7.17 -3.63 -20.06
N GLN A 307 -7.77 -4.81 -20.25
CA GLN A 307 -8.04 -5.69 -19.11
C GLN A 307 -6.76 -6.21 -18.48
N GLN A 308 -5.69 -6.34 -19.27
CA GLN A 308 -4.40 -6.77 -18.76
C GLN A 308 -3.69 -5.67 -17.94
N ASN A 309 -4.28 -4.48 -17.84
CA ASN A 309 -3.68 -3.37 -17.10
C ASN A 309 -4.46 -3.02 -15.84
N LEU A 310 -5.36 -3.89 -15.39
CA LEU A 310 -6.11 -3.62 -14.17
C LEU A 310 -5.21 -3.71 -12.96
N ILE A 311 -5.47 -2.85 -11.97
CA ILE A 311 -4.67 -2.79 -10.74
C ILE A 311 -5.60 -2.73 -9.55
N LEU A 312 -5.14 -3.26 -8.42
CA LEU A 312 -5.87 -3.22 -7.16
C LEU A 312 -5.25 -2.15 -6.27
N ARG A 313 -5.96 -1.04 -6.10
CA ARG A 313 -5.45 0.10 -5.36
C ARG A 313 -5.81 -0.01 -3.88
N ARG A 314 -4.90 0.48 -3.03
CA ARG A 314 -5.07 0.42 -1.58
C ARG A 314 -4.40 1.65 -0.96
N PRO A 315 -4.93 2.84 -1.22
CA PRO A 315 -4.26 4.06 -0.80
C PRO A 315 -4.64 4.50 0.61
N PHE A 316 -3.91 5.50 1.10
CA PHE A 316 -4.21 6.17 2.36
C PHE A 316 -4.07 7.67 2.16
N ASN A 317 -4.83 8.43 2.94
CA ASN A 317 -4.76 9.89 2.90
C ASN A 317 -3.73 10.36 3.92
N TYR A 318 -2.66 10.99 3.43
CA TYR A 318 -1.59 11.46 4.29
C TYR A 318 -1.62 12.98 4.40
N SER A 319 -1.17 13.48 5.54
CA SER A 319 -1.12 14.91 5.82
C SER A 319 0.13 15.20 6.62
N ASN A 320 1.04 15.99 6.05
CA ASN A 320 2.26 16.38 6.76
C ASN A 320 2.10 17.79 7.32
N GLY A 321 3.19 18.56 7.30
CA GLY A 321 3.15 19.92 7.82
C GLY A 321 2.62 20.93 6.83
N VAL A 322 3.21 22.13 6.84
CA VAL A 322 2.84 23.21 5.93
C VAL A 322 4.12 23.82 5.38
N ASN A 323 4.12 24.12 4.08
CA ASN A 323 5.30 24.68 3.44
C ASN A 323 5.52 26.13 3.86
N LYS A 324 6.35 26.86 3.11
CA LYS A 324 6.70 28.22 3.49
C LYS A 324 5.72 29.26 2.97
N ASN A 325 5.13 29.05 1.79
CA ASN A 325 4.19 30.01 1.23
C ASN A 325 2.75 29.78 1.70
N GLY A 326 2.54 28.92 2.69
CA GLY A 326 1.27 28.80 3.37
C GLY A 326 0.36 27.69 2.92
N GLN A 327 0.80 26.82 2.02
CA GLN A 327 -0.05 25.75 1.51
C GLN A 327 0.10 24.49 2.37
N LEU A 328 -1.02 23.80 2.58
CA LEU A 328 -1.03 22.61 3.40
C LEU A 328 -0.44 21.43 2.63
N ASP A 329 0.54 20.76 3.24
CA ASP A 329 1.20 19.61 2.64
C ASP A 329 0.38 18.36 2.97
N MET A 330 -0.51 18.00 2.05
CA MET A 330 -1.33 16.80 2.21
C MET A 330 -1.65 16.24 0.83
N GLY A 331 -1.93 14.95 0.79
CA GLY A 331 -2.23 14.29 -0.46
C GLY A 331 -2.64 12.84 -0.32
N LEU A 332 -2.21 12.01 -1.27
CA LEU A 332 -2.60 10.60 -1.32
C LEU A 332 -1.36 9.73 -1.27
N LEU A 333 -1.36 8.77 -0.34
CA LEU A 333 -0.32 7.74 -0.28
C LEU A 333 -0.77 6.60 -1.20
N PHE A 334 -0.44 6.71 -2.48
CA PHE A 334 -0.93 5.76 -3.47
C PHE A 334 -0.19 4.44 -3.33
N ILE A 335 -0.96 3.36 -3.13
CA ILE A 335 -0.43 2.00 -3.09
C ILE A 335 -1.33 1.11 -3.93
N CYS A 336 -0.73 0.41 -4.89
CA CYS A 336 -1.48 -0.50 -5.74
C CYS A 336 -0.67 -1.77 -5.97
N TYR A 337 -1.37 -2.87 -6.24
CA TYR A 337 -0.76 -4.17 -6.42
C TYR A 337 -1.17 -4.76 -7.76
N GLN A 338 -0.25 -5.53 -8.35
CA GLN A 338 -0.48 -6.12 -9.66
C GLN A 338 0.49 -7.28 -9.86
N ALA A 339 0.05 -8.26 -10.65
CA ALA A 339 0.92 -9.39 -10.97
C ALA A 339 2.05 -9.01 -11.91
N ASP A 340 1.91 -7.91 -12.65
CA ASP A 340 2.94 -7.42 -13.56
C ASP A 340 3.05 -5.92 -13.36
N LEU A 341 4.18 -5.47 -12.81
CA LEU A 341 4.37 -4.04 -12.57
C LEU A 341 4.43 -3.26 -13.87
N GLU A 342 5.10 -3.80 -14.88
CA GLU A 342 5.15 -3.14 -16.18
C GLU A 342 3.77 -3.03 -16.81
N LYS A 343 2.97 -4.10 -16.69
CA LYS A 343 1.63 -4.09 -17.24
C LYS A 343 0.66 -3.29 -16.38
N GLY A 344 0.91 -3.21 -15.08
CA GLY A 344 0.00 -2.55 -14.17
C GLY A 344 0.19 -1.06 -14.05
N PHE A 345 0.81 -0.62 -12.95
CA PHE A 345 0.90 0.80 -12.66
C PHE A 345 1.67 1.57 -13.73
N ILE A 346 2.73 0.97 -14.26
CA ILE A 346 3.59 1.69 -15.21
C ILE A 346 2.83 2.01 -16.47
N THR A 347 2.02 1.08 -16.97
CA THR A 347 1.24 1.33 -18.18
C THR A 347 0.09 2.29 -17.90
N VAL A 348 -0.55 2.16 -16.74
CA VAL A 348 -1.67 3.04 -16.41
C VAL A 348 -1.21 4.47 -16.19
N GLN A 349 -0.09 4.65 -15.47
CA GLN A 349 0.44 5.99 -15.27
C GLN A 349 0.91 6.61 -16.58
N THR A 350 1.42 5.79 -17.51
CA THR A 350 1.80 6.30 -18.82
C THR A 350 0.59 6.84 -19.56
N ARG A 351 -0.55 6.15 -19.44
CA ARG A 351 -1.78 6.67 -20.02
C ARG A 351 -2.25 7.94 -19.32
N LEU A 352 -1.94 8.08 -18.03
CA LEU A 352 -2.36 9.24 -17.25
C LEU A 352 -1.45 10.45 -17.44
N ASN A 353 -0.32 10.29 -18.13
CA ASN A 353 0.59 11.41 -18.33
C ASN A 353 -0.09 12.52 -19.11
N GLY A 354 -0.12 13.71 -18.52
CA GLY A 354 -0.76 14.86 -19.14
C GLY A 354 -2.23 15.03 -18.82
N GLU A 355 -2.77 14.24 -17.90
CA GLU A 355 -4.17 14.36 -17.55
C GLU A 355 -4.44 15.71 -16.87
N PRO A 356 -5.66 16.24 -17.01
CA PRO A 356 -5.96 17.53 -16.36
C PRO A 356 -5.88 17.49 -14.85
N LEU A 357 -5.91 16.30 -14.23
CA LEU A 357 -5.76 16.19 -12.79
C LEU A 357 -4.37 16.60 -12.32
N GLU A 358 -3.37 16.56 -13.20
CA GLU A 358 -2.01 16.94 -12.82
C GLU A 358 -1.91 18.39 -12.38
N GLU A 359 -2.93 19.21 -12.67
CA GLU A 359 -2.95 20.58 -12.19
C GLU A 359 -2.94 20.66 -10.67
N TYR A 360 -3.44 19.61 -10.02
CA TYR A 360 -3.50 19.56 -8.56
C TYR A 360 -2.67 18.43 -7.97
N LEU A 361 -1.83 17.78 -8.76
CA LEU A 361 -1.04 16.65 -8.32
C LEU A 361 0.45 16.97 -8.41
N LYS A 362 1.22 16.32 -7.54
CA LYS A 362 2.68 16.47 -7.55
C LYS A 362 3.33 15.29 -6.84
N PRO A 363 3.64 14.21 -7.55
CA PRO A 363 4.30 13.06 -6.89
C PRO A 363 5.70 13.44 -6.44
N VAL A 364 6.03 13.05 -5.20
CA VAL A 364 7.31 13.41 -4.61
C VAL A 364 8.10 12.21 -4.11
N GLY A 365 7.51 11.04 -3.94
CA GLY A 365 8.25 9.90 -3.43
C GLY A 365 7.56 8.60 -3.75
N GLY A 366 8.18 7.51 -3.31
CA GLY A 366 7.65 6.18 -3.55
C GLY A 366 8.68 5.22 -4.10
N GLY A 367 8.25 4.22 -4.84
CA GLY A 367 9.17 3.26 -5.43
C GLY A 367 8.45 2.00 -5.86
N TYR A 368 9.23 1.11 -6.47
CA TYR A 368 8.74 -0.17 -6.97
C TYR A 368 9.32 -1.29 -6.12
N PHE A 369 8.47 -2.19 -5.66
CA PHE A 369 8.89 -3.30 -4.80
C PHE A 369 8.04 -4.53 -5.13
N PHE A 370 8.53 -5.69 -4.72
CA PHE A 370 7.86 -6.96 -4.96
C PHE A 370 7.46 -7.56 -3.62
N THR A 371 6.15 -7.69 -3.39
CA THR A 371 5.66 -8.32 -2.18
C THR A 371 5.96 -9.81 -2.21
N LEU A 372 6.63 -10.29 -1.16
CA LEU A 372 7.02 -11.69 -1.11
C LEU A 372 5.80 -12.59 -0.95
N PRO A 373 5.88 -13.84 -1.39
CA PRO A 373 4.76 -14.77 -1.17
C PRO A 373 4.49 -15.00 0.31
N GLY A 374 3.28 -15.47 0.59
CA GLY A 374 2.87 -15.65 1.97
C GLY A 374 3.57 -16.81 2.65
N VAL A 375 3.51 -16.79 3.98
CA VAL A 375 4.09 -17.84 4.81
C VAL A 375 3.04 -18.94 4.95
N THR A 376 3.34 -20.11 4.40
CA THR A 376 2.33 -21.16 4.28
C THR A 376 2.10 -21.93 5.58
N GLY A 377 3.14 -22.13 6.39
CA GLY A 377 3.01 -22.93 7.58
C GLY A 377 3.87 -22.41 8.71
N ALA A 378 3.82 -23.13 9.83
CA ALA A 378 4.60 -22.73 11.00
C ALA A 378 6.10 -22.94 10.78
N GLN A 379 6.47 -23.93 9.96
CA GLN A 379 7.87 -24.16 9.65
C GLN A 379 8.40 -23.22 8.57
N ASP A 380 7.53 -22.45 7.93
CA ASP A 380 7.93 -21.47 6.94
C ASP A 380 8.11 -20.10 7.59
N PHE A 381 8.86 -19.23 6.89
CA PHE A 381 9.03 -17.85 7.32
C PHE A 381 9.12 -16.96 6.10
N ILE A 382 8.98 -15.66 6.33
CA ILE A 382 8.92 -14.69 5.23
C ILE A 382 10.26 -14.65 4.52
N GLY A 383 10.22 -14.71 3.18
CA GLY A 383 11.43 -14.70 2.37
C GLY A 383 12.17 -16.01 2.32
N ARG A 384 11.64 -17.08 2.90
CA ARG A 384 12.35 -18.37 2.89
C ARG A 384 12.47 -18.92 1.48
N SER A 385 11.39 -18.86 0.70
CA SER A 385 11.43 -19.35 -0.67
C SER A 385 12.41 -18.54 -1.52
N LEU A 386 12.57 -17.25 -1.21
CA LEU A 386 13.55 -16.44 -1.91
C LEU A 386 14.98 -16.84 -1.53
N LEU A 387 15.21 -17.08 -0.24
CA LEU A 387 16.53 -17.52 0.21
C LEU A 387 16.84 -18.95 -0.25
N ASP A 388 15.81 -19.80 -0.33
CA ASP A 388 16.03 -21.16 -0.79
C ASP A 388 16.32 -21.21 -2.29
N ALA A 389 15.85 -20.22 -3.05
CA ALA A 389 16.10 -20.19 -4.48
C ALA A 389 17.51 -19.72 -4.81
N THR A 390 18.22 -19.12 -3.86
CA THR A 390 19.56 -18.59 -4.07
C THR A 390 20.58 -19.27 -3.16
N LYS A 391 20.36 -20.52 -2.82
CA LYS A 391 21.26 -21.22 -1.93
C LYS A 391 22.58 -21.54 -2.62
N THR A 392 23.62 -21.69 -1.80
CA THR A 392 24.99 -21.91 -2.27
C THR A 392 25.45 -20.80 -3.21
CHA HEM B . -10.01 5.72 -10.32
CHB HEM B . -5.40 4.42 -11.11
CHC HEM B . -3.91 8.50 -8.92
CHD HEM B . -8.46 9.36 -7.48
C1A HEM B . -8.91 5.01 -10.74
C2A HEM B . -8.90 3.75 -11.47
C3A HEM B . -7.63 3.40 -11.68
C4A HEM B . -6.78 4.42 -11.11
CMA HEM B . -7.15 2.14 -12.41
CAA HEM B . -10.12 2.93 -11.92
CBA HEM B . -10.87 3.68 -13.01
CGA HEM B . -11.88 2.76 -13.66
O1A HEM B . -11.68 1.53 -13.60
O2A HEM B . -12.88 3.27 -14.23
C1B HEM B . -4.59 5.44 -10.63
C2B HEM B . -3.15 5.52 -10.80
C3B HEM B . -2.73 6.64 -10.20
C4B HEM B . -3.89 7.30 -9.63
CMB HEM B . -2.26 4.50 -11.54
CAB HEM B . -1.24 7.06 -10.17
CBB HEM B . -0.84 8.22 -9.64
C1C HEM B . -5.00 9.07 -8.30
C2C HEM B . -4.97 10.23 -7.45
C3C HEM B . -6.22 10.50 -7.04
C4C HEM B . -7.09 9.49 -7.63
CMC HEM B . -3.72 11.05 -7.07
CAC HEM B . -6.57 11.67 -6.11
CBC HEM B . -7.83 11.93 -5.71
C1D HEM B . -9.29 8.48 -8.16
C2D HEM B . -10.74 8.47 -8.14
C3D HEM B . -11.17 7.48 -8.91
C4D HEM B . -10.00 6.81 -9.46
CMD HEM B . -11.64 9.46 -7.36
CAD HEM B . -12.65 7.11 -9.18
CBD HEM B . -13.13 6.14 -8.12
CGD HEM B . -12.57 4.77 -8.38
O1D HEM B . -13.04 4.11 -9.35
O2D HEM B . -11.67 4.34 -7.63
NA HEM B . -7.60 5.39 -10.53
NB HEM B . -5.00 6.54 -9.92
NC HEM B . -6.31 8.64 -8.39
ND HEM B . -8.88 7.45 -8.98
FE HEM B . -6.95 7.01 -9.45
O1 OXY C . -6.54 6.04 -6.87
O2 OXY C . -6.09 5.75 -5.79
CL CL D . 4.54 10.44 8.64
CL CL E . -24.30 5.57 -1.68
CL CL F . 9.09 24.24 1.82
CL CL G . 15.04 -24.14 7.43
CL CL H . -4.79 -17.66 1.88
CL CL I . 20.48 -6.03 13.99
S SO4 J . -7.66 -13.28 7.58
O1 SO4 J . -8.11 -14.22 6.56
O2 SO4 J . -6.38 -12.71 7.20
O3 SO4 J . -7.54 -13.97 8.85
O4 SO4 J . -8.65 -12.20 7.71
#